data_6G6X
#
_entry.id   6G6X
#
_cell.length_a   82.118
_cell.length_b   111.849
_cell.length_c   62.630
_cell.angle_alpha   90.000
_cell.angle_beta   90.000
_cell.angle_gamma   90.000
#
_symmetry.space_group_name_H-M   'C 2 2 21'
#
loop_
_entity.id
_entity.type
_entity.pdbx_description
1 polymer '14-3-3 protein sigma'
2 polymer 'Transcriptional coactivator YAP1'
3 non-polymer 'CHLORIDE ION'
4 non-polymer 'SODIUM ION'
5 water water
#
loop_
_entity_poly.entity_id
_entity_poly.type
_entity_poly.pdbx_seq_one_letter_code
_entity_poly.pdbx_strand_id
1 'polypeptide(L)'
;GAMGSMERASLIQKAKLAEQAERYEDMAAFMKGAVEKGEELSCEERNLLSVAYKNVVGGQRAAWRVLSSIEQKSNEEGSE
EKGPEVREYREKVETELQGVCDTVLGLLDSHLIKEAGDAESRVFYLKMKGDYYRYLAEVATGDDKKRIIDSARSAYQEAM
DISKKEMPPTNPIRLGLALNFSVFHYEIANSPEEAISLAKTTFDEAMADLHTLSEDSYKDSTLIMQLLRDNLTLWT
;
A
2 'polypeptide(L)' (ACE)RAH(SEP)S(EOE)ASLQ P
#
# COMPACT_ATOMS: atom_id res chain seq x y z
N GLY A 1 -14.04 2.60 -21.34
CA GLY A 1 -14.30 2.08 -19.96
C GLY A 1 -15.68 2.50 -19.52
N ALA A 2 -16.30 1.75 -18.59
CA ALA A 2 -17.68 2.00 -18.23
C ALA A 2 -17.88 3.35 -17.58
N MET A 3 -16.82 3.95 -17.04
CA MET A 3 -16.91 5.29 -16.45
C MET A 3 -16.60 6.42 -17.42
N GLY A 4 -16.34 6.09 -18.68
CA GLY A 4 -15.93 7.10 -19.64
C GLY A 4 -16.95 8.18 -19.88
N SER A 5 -18.22 7.90 -19.70
N SER A 5 -18.22 7.88 -19.69
CA SER A 5 -19.28 8.88 -19.93
CA SER A 5 -19.30 8.83 -19.92
C SER A 5 -19.61 9.72 -18.72
C SER A 5 -19.59 9.73 -18.72
N MET A 6 -19.01 9.44 -17.56
CA MET A 6 -19.34 10.16 -16.34
C MET A 6 -18.34 11.28 -16.09
N GLU A 7 -18.82 12.46 -15.69
CA GLU A 7 -17.96 13.58 -15.38
C GLU A 7 -16.96 13.19 -14.30
N ARG A 8 -15.75 13.77 -14.40
CA ARG A 8 -14.74 13.59 -13.37
C ARG A 8 -15.26 13.94 -11.99
N ALA A 9 -15.93 15.10 -11.86
CA ALA A 9 -16.37 15.52 -10.55
C ALA A 9 -17.43 14.58 -10.01
N SER A 10 -18.27 14.04 -10.89
CA SER A 10 -19.30 13.09 -10.46
C SER A 10 -18.70 11.78 -9.98
N LEU A 11 -17.61 11.34 -10.63
CA LEU A 11 -16.92 10.13 -10.20
C LEU A 11 -16.33 10.33 -8.81
N ILE A 12 -15.74 11.49 -8.56
CA ILE A 12 -15.17 11.81 -7.24
CA ILE A 12 -15.18 11.73 -7.23
C ILE A 12 -16.29 11.83 -6.19
N GLN A 13 -17.40 12.49 -6.53
N GLN A 13 -17.40 12.51 -6.53
CA GLN A 13 -18.52 12.58 -5.59
CA GLN A 13 -18.52 12.59 -5.60
C GLN A 13 -19.03 11.19 -5.26
C GLN A 13 -19.06 11.20 -5.26
N LYS A 14 -19.18 10.34 -6.27
CA LYS A 14 -19.69 8.99 -6.04
C LYS A 14 -18.67 8.12 -5.32
N ALA A 15 -17.37 8.34 -5.52
CA ALA A 15 -16.38 7.63 -4.73
C ALA A 15 -16.56 7.92 -3.25
N LYS A 16 -16.84 9.19 -2.91
CA LYS A 16 -17.05 9.55 -1.52
C LYS A 16 -18.33 8.92 -0.96
N LEU A 17 -19.38 8.85 -1.78
CA LEU A 17 -20.62 8.17 -1.35
C LEU A 17 -20.37 6.68 -1.13
N ALA A 18 -19.63 6.07 -2.06
CA ALA A 18 -19.32 4.66 -1.97
C ALA A 18 -18.55 4.36 -0.69
N GLU A 19 -17.60 5.22 -0.34
CA GLU A 19 -16.87 5.06 0.91
C GLU A 19 -17.83 5.07 2.10
N GLN A 20 -18.74 6.04 2.16
CA GLN A 20 -19.70 6.12 3.26
C GLN A 20 -20.56 4.86 3.34
N ALA A 21 -20.88 4.29 2.20
CA ALA A 21 -21.69 3.07 2.12
C ALA A 21 -20.87 1.81 2.27
N GLU A 22 -19.55 1.92 2.44
CA GLU A 22 -18.67 0.75 2.54
CA GLU A 22 -18.66 0.76 2.53
C GLU A 22 -18.75 -0.13 1.29
N ARG A 23 -18.89 0.51 0.14
CA ARG A 23 -18.95 -0.13 -1.16
C ARG A 23 -17.60 0.08 -1.87
N TYR A 24 -16.59 -0.65 -1.42
CA TYR A 24 -15.23 -0.30 -1.83
C TYR A 24 -14.92 -0.73 -3.24
N GLU A 25 -15.54 -1.79 -3.76
CA GLU A 25 -15.35 -2.11 -5.16
CA GLU A 25 -15.36 -2.12 -5.16
C GLU A 25 -15.89 -1.00 -6.04
N ASP A 26 -17.07 -0.47 -5.71
CA ASP A 26 -17.59 0.65 -6.45
C ASP A 26 -16.66 1.86 -6.33
N MET A 27 -16.18 2.12 -5.11
CA MET A 27 -15.31 3.27 -4.88
C MET A 27 -14.09 3.16 -5.78
N ALA A 28 -13.50 1.97 -5.87
CA ALA A 28 -12.31 1.77 -6.69
C ALA A 28 -12.62 1.98 -8.16
N ALA A 29 -13.76 1.47 -8.63
CA ALA A 29 -14.14 1.66 -10.01
C ALA A 29 -14.35 3.13 -10.33
N PHE A 30 -14.97 3.89 -9.43
CA PHE A 30 -15.14 5.31 -9.65
C PHE A 30 -13.79 6.01 -9.71
N MET A 31 -12.90 5.69 -8.79
CA MET A 31 -11.59 6.34 -8.77
C MET A 31 -10.75 5.95 -9.99
N LYS A 32 -10.82 4.70 -10.45
CA LYS A 32 -10.16 4.34 -11.69
C LYS A 32 -10.69 5.17 -12.84
N GLY A 33 -12.01 5.36 -12.91
CA GLY A 33 -12.55 6.23 -13.92
C GLY A 33 -12.04 7.64 -13.82
N ALA A 34 -11.92 8.17 -12.60
CA ALA A 34 -11.40 9.52 -12.42
C ALA A 34 -9.95 9.61 -12.88
N VAL A 35 -9.12 8.63 -12.53
CA VAL A 35 -7.73 8.66 -12.99
C VAL A 35 -7.68 8.66 -14.50
N GLU A 36 -8.52 7.85 -15.14
CA GLU A 36 -8.47 7.71 -16.58
C GLU A 36 -8.96 8.94 -17.31
N LYS A 37 -9.48 9.95 -16.62
CA LYS A 37 -9.73 11.24 -17.27
C LYS A 37 -8.44 11.92 -17.70
N GLY A 38 -7.30 11.54 -17.12
CA GLY A 38 -6.02 12.01 -17.58
C GLY A 38 -5.47 13.20 -16.84
N GLU A 39 -6.25 13.83 -15.97
N GLU A 39 -6.24 13.80 -15.93
CA GLU A 39 -5.72 14.91 -15.15
CA GLU A 39 -5.78 14.92 -15.13
C GLU A 39 -5.02 14.34 -13.92
C GLU A 39 -5.12 14.40 -13.85
N GLU A 40 -4.10 15.14 -13.38
CA GLU A 40 -3.45 14.80 -12.11
C GLU A 40 -4.49 14.76 -11.00
N LEU A 41 -4.16 14.09 -9.91
N LEU A 41 -4.14 14.10 -9.91
CA LEU A 41 -5.02 13.96 -8.75
CA LEU A 41 -5.03 13.97 -8.77
C LEU A 41 -4.55 14.91 -7.67
C LEU A 41 -4.55 14.86 -7.63
N SER A 42 -5.49 15.52 -6.98
CA SER A 42 -5.20 16.29 -5.78
C SER A 42 -4.86 15.34 -4.63
N CYS A 43 -4.39 15.91 -3.52
N CYS A 43 -4.37 15.92 -3.53
CA CYS A 43 -4.07 15.12 -2.35
CA CYS A 43 -4.09 15.14 -2.33
C CYS A 43 -5.29 14.33 -1.87
C CYS A 43 -5.31 14.32 -1.91
N GLU A 44 -6.44 14.98 -1.79
N GLU A 44 -6.46 14.99 -1.79
CA GLU A 44 -7.65 14.28 -1.36
CA GLU A 44 -7.68 14.30 -1.37
C GLU A 44 -8.00 13.16 -2.33
C GLU A 44 -8.04 13.18 -2.33
N GLU A 45 -7.86 13.40 -3.64
CA GLU A 45 -8.21 12.39 -4.62
C GLU A 45 -7.24 11.22 -4.57
N ARG A 46 -5.95 11.47 -4.36
CA ARG A 46 -4.99 10.38 -4.19
C ARG A 46 -5.39 9.52 -3.00
N ASN A 47 -5.85 10.13 -1.93
N ASN A 47 -5.79 10.15 -1.90
CA ASN A 47 -6.20 9.32 -0.78
CA ASN A 47 -6.26 9.41 -0.73
C ASN A 47 -7.50 8.56 -0.99
C ASN A 47 -7.44 8.52 -1.10
N LEU A 48 -8.43 9.07 -1.81
CA LEU A 48 -9.60 8.27 -2.17
C LEU A 48 -9.17 7.06 -2.99
N LEU A 49 -8.28 7.25 -3.96
CA LEU A 49 -7.78 6.13 -4.76
C LEU A 49 -7.16 5.07 -3.86
N SER A 50 -6.31 5.51 -2.94
CA SER A 50 -5.59 4.58 -2.07
C SER A 50 -6.55 3.82 -1.16
N VAL A 51 -7.50 4.53 -0.54
CA VAL A 51 -8.43 3.89 0.38
C VAL A 51 -9.24 2.85 -0.36
N ALA A 52 -9.69 3.18 -1.56
CA ALA A 52 -10.57 2.27 -2.29
C ALA A 52 -9.85 0.96 -2.57
N TYR A 53 -8.68 1.03 -3.18
CA TYR A 53 -7.97 -0.19 -3.56
C TYR A 53 -7.42 -0.90 -2.35
N LYS A 54 -7.04 -0.19 -1.30
N LYS A 54 -7.00 -0.18 -1.31
CA LYS A 54 -6.54 -0.90 -0.12
CA LYS A 54 -6.58 -0.81 -0.06
C LYS A 54 -7.63 -1.75 0.54
C LYS A 54 -7.65 -1.77 0.44
N ASN A 55 -8.88 -1.28 0.51
CA ASN A 55 -9.98 -2.08 1.04
C ASN A 55 -10.29 -3.26 0.13
N VAL A 56 -10.31 -3.04 -1.19
CA VAL A 56 -10.57 -4.16 -2.10
C VAL A 56 -9.50 -5.23 -1.93
N VAL A 57 -8.23 -4.85 -2.07
CA VAL A 57 -7.15 -5.85 -2.01
CA VAL A 57 -7.18 -5.88 -2.01
C VAL A 57 -7.06 -6.43 -0.61
N GLY A 58 -7.40 -5.64 0.41
CA GLY A 58 -7.35 -6.16 1.77
C GLY A 58 -8.31 -7.33 1.97
N GLY A 59 -9.52 -7.23 1.43
CA GLY A 59 -10.44 -8.34 1.53
C GLY A 59 -9.94 -9.55 0.77
N GLN A 60 -9.36 -9.32 -0.41
CA GLN A 60 -8.80 -10.44 -1.18
C GLN A 60 -7.63 -11.10 -0.47
N ARG A 61 -6.74 -10.30 0.13
CA ARG A 61 -5.59 -10.86 0.84
C ARG A 61 -6.05 -11.67 2.04
N ALA A 62 -7.03 -11.16 2.77
CA ALA A 62 -7.53 -11.91 3.92
C ALA A 62 -8.14 -13.24 3.50
N ALA A 63 -8.89 -13.23 2.40
CA ALA A 63 -9.48 -14.46 1.89
C ALA A 63 -8.40 -15.41 1.40
N TRP A 64 -7.41 -14.88 0.70
CA TRP A 64 -6.32 -15.71 0.20
C TRP A 64 -5.59 -16.40 1.36
N ARG A 65 -5.35 -15.67 2.45
CA ARG A 65 -4.67 -16.28 3.58
C ARG A 65 -5.49 -17.40 4.20
N VAL A 66 -6.81 -17.23 4.33
CA VAL A 66 -7.66 -18.29 4.85
C VAL A 66 -7.53 -19.54 3.98
N LEU A 67 -7.64 -19.35 2.67
CA LEU A 67 -7.64 -20.47 1.75
C LEU A 67 -6.27 -21.13 1.65
N SER A 68 -5.21 -20.33 1.69
CA SER A 68 -3.86 -20.89 1.65
CA SER A 68 -3.87 -20.88 1.65
C SER A 68 -3.58 -21.71 2.91
N SER A 69 -4.09 -21.28 4.06
CA SER A 69 -3.92 -22.07 5.27
CA SER A 69 -3.91 -22.06 5.27
C SER A 69 -4.64 -23.40 5.17
N ILE A 70 -5.87 -23.40 4.65
CA ILE A 70 -6.59 -24.66 4.44
C ILE A 70 -5.82 -25.56 3.48
N GLU A 71 -5.29 -24.98 2.40
CA GLU A 71 -4.56 -25.75 1.42
C GLU A 71 -3.30 -26.36 2.03
N GLN A 72 -2.59 -25.60 2.86
CA GLN A 72 -1.40 -26.12 3.52
C GLN A 72 -1.74 -27.26 4.47
N LYS A 73 -2.80 -27.12 5.25
N LYS A 73 -2.80 -27.11 5.26
CA LYS A 73 -3.16 -28.22 6.16
CA LYS A 73 -3.21 -28.19 6.15
C LYS A 73 -3.56 -29.47 5.38
C LYS A 73 -3.53 -29.44 5.36
N SER A 74 -4.19 -29.30 4.20
CA SER A 74 -4.56 -30.46 3.39
C SER A 74 -3.33 -31.21 2.89
N ASN A 75 -2.17 -30.57 2.82
CA ASN A 75 -0.96 -31.21 2.32
C ASN A 75 -0.11 -31.80 3.43
N GLU A 76 -0.58 -31.80 4.67
CA GLU A 76 0.15 -32.42 5.77
C GLU A 76 -0.04 -33.93 5.75
N GLU A 77 0.92 -34.63 6.35
CA GLU A 77 0.81 -36.08 6.48
C GLU A 77 -0.43 -36.43 7.30
N GLY A 78 -1.16 -37.44 6.84
CA GLY A 78 -2.37 -37.89 7.51
C GLY A 78 -3.63 -37.16 7.10
N SER A 79 -3.51 -36.09 6.31
CA SER A 79 -4.69 -35.36 5.86
C SER A 79 -5.39 -36.13 4.75
N GLU A 80 -6.71 -36.20 4.83
CA GLU A 80 -7.49 -36.94 3.84
C GLU A 80 -7.54 -36.15 2.53
N GLU A 81 -7.46 -36.88 1.42
CA GLU A 81 -7.51 -36.26 0.10
C GLU A 81 -8.92 -35.78 -0.20
N LYS A 82 -9.04 -34.51 -0.59
CA LYS A 82 -10.33 -33.89 -0.84
C LYS A 82 -10.46 -33.39 -2.28
N GLY A 83 -9.50 -33.69 -3.15
CA GLY A 83 -9.60 -33.29 -4.53
C GLY A 83 -9.02 -31.91 -4.80
N PRO A 84 -9.26 -31.42 -6.01
CA PRO A 84 -8.62 -30.18 -6.47
C PRO A 84 -9.28 -28.91 -5.98
N GLU A 85 -10.39 -28.98 -5.25
CA GLU A 85 -11.23 -27.81 -5.07
C GLU A 85 -10.55 -26.70 -4.26
N VAL A 86 -9.84 -27.06 -3.18
CA VAL A 86 -9.19 -26.02 -2.37
C VAL A 86 -8.17 -25.26 -3.21
N ARG A 87 -7.32 -25.99 -3.93
CA ARG A 87 -6.36 -25.34 -4.80
C ARG A 87 -7.06 -24.47 -5.83
N GLU A 88 -8.10 -25.02 -6.47
CA GLU A 88 -8.79 -24.25 -7.50
C GLU A 88 -9.32 -22.95 -6.94
N TYR A 89 -9.94 -22.99 -5.79
CA TYR A 89 -10.58 -21.80 -5.28
C TYR A 89 -9.53 -20.82 -4.77
N ARG A 90 -8.46 -21.30 -4.14
CA ARG A 90 -7.36 -20.41 -3.79
C ARG A 90 -6.80 -19.74 -5.04
N GLU A 91 -6.62 -20.51 -6.12
N GLU A 91 -6.67 -20.49 -6.13
CA GLU A 91 -6.13 -19.94 -7.37
CA GLU A 91 -6.20 -19.91 -7.38
C GLU A 91 -7.09 -18.91 -7.95
C GLU A 91 -7.16 -18.86 -7.91
N LYS A 92 -8.40 -19.12 -7.78
N LYS A 92 -8.47 -19.11 -7.82
CA LYS A 92 -9.38 -18.15 -8.27
CA LYS A 92 -9.45 -18.13 -8.28
C LYS A 92 -9.21 -16.82 -7.54
C LYS A 92 -9.29 -16.82 -7.54
N VAL A 93 -9.18 -16.88 -6.22
CA VAL A 93 -9.01 -15.67 -5.42
C VAL A 93 -7.67 -15.02 -5.72
N GLU A 94 -6.61 -15.84 -5.85
CA GLU A 94 -5.30 -15.32 -6.18
C GLU A 94 -5.30 -14.58 -7.50
N THR A 95 -5.95 -15.15 -8.52
N THR A 95 -5.94 -15.14 -8.53
CA THR A 95 -5.96 -14.51 -9.82
CA THR A 95 -5.92 -14.48 -9.83
C THR A 95 -6.71 -13.19 -9.76
C THR A 95 -6.73 -13.18 -9.80
N GLU A 96 -7.80 -13.13 -9.00
CA GLU A 96 -8.53 -11.88 -8.89
CA GLU A 96 -8.54 -11.89 -8.86
C GLU A 96 -7.68 -10.83 -8.16
N LEU A 97 -6.97 -11.24 -7.10
CA LEU A 97 -6.09 -10.34 -6.37
CA LEU A 97 -6.09 -10.34 -6.38
C LEU A 97 -4.99 -9.82 -7.29
N GLN A 98 -4.37 -10.70 -8.07
CA GLN A 98 -3.34 -10.28 -9.00
C GLN A 98 -3.92 -9.31 -10.02
N GLY A 99 -5.15 -9.52 -10.44
CA GLY A 99 -5.75 -8.61 -11.39
C GLY A 99 -5.94 -7.21 -10.82
N VAL A 100 -6.36 -7.12 -9.56
CA VAL A 100 -6.49 -5.82 -8.91
C VAL A 100 -5.11 -5.15 -8.79
N CYS A 101 -4.10 -5.90 -8.36
CA CYS A 101 -2.76 -5.31 -8.30
C CYS A 101 -2.30 -4.84 -9.66
N ASP A 102 -2.53 -5.64 -10.71
CA ASP A 102 -2.14 -5.22 -12.05
C ASP A 102 -2.89 -3.97 -12.48
N THR A 103 -4.15 -3.85 -12.10
CA THR A 103 -4.93 -2.66 -12.43
C THR A 103 -4.33 -1.42 -11.78
N VAL A 104 -3.99 -1.51 -10.50
CA VAL A 104 -3.41 -0.37 -9.79
C VAL A 104 -2.06 -0.01 -10.40
N LEU A 105 -1.21 -1.02 -10.61
CA LEU A 105 0.10 -0.78 -11.20
C LEU A 105 -0.05 -0.16 -12.57
N GLY A 106 -1.08 -0.56 -13.31
CA GLY A 106 -1.31 0.02 -14.62
C GLY A 106 -1.68 1.49 -14.57
N LEU A 107 -2.51 1.89 -13.60
CA LEU A 107 -2.84 3.29 -13.43
C LEU A 107 -1.61 4.10 -13.08
N LEU A 108 -0.77 3.54 -12.21
CA LEU A 108 0.46 4.23 -11.81
C LEU A 108 1.37 4.43 -13.01
N ASP A 109 1.47 3.42 -13.88
CA ASP A 109 2.36 3.48 -15.03
C ASP A 109 1.78 4.27 -16.18
N SER A 110 0.47 4.46 -16.19
N SER A 110 0.46 4.45 -16.22
CA SER A 110 -0.23 5.11 -17.33
CA SER A 110 -0.20 5.15 -17.32
C SER A 110 -1.32 6.03 -16.77
C SER A 110 -1.30 6.02 -16.72
N HIS A 111 -0.97 7.24 -16.28
CA HIS A 111 0.36 7.85 -16.35
C HIS A 111 0.62 8.64 -15.06
N LEU A 112 0.15 8.12 -13.91
CA LEU A 112 0.21 8.91 -12.69
C LEU A 112 1.64 9.24 -12.29
N ILE A 113 2.53 8.25 -12.27
CA ILE A 113 3.88 8.52 -11.79
C ILE A 113 4.59 9.52 -12.69
N LYS A 114 4.51 9.34 -14.00
CA LYS A 114 5.34 10.18 -14.87
C LYS A 114 4.90 11.63 -14.81
N GLU A 115 3.65 11.93 -14.47
CA GLU A 115 3.23 13.32 -14.37
CA GLU A 115 3.20 13.30 -14.36
C GLU A 115 3.39 13.90 -12.98
N ALA A 116 3.80 13.11 -12.00
CA ALA A 116 3.91 13.55 -10.61
C ALA A 116 5.29 14.15 -10.36
N GLY A 117 5.33 15.46 -10.16
CA GLY A 117 6.57 16.17 -9.97
C GLY A 117 6.80 16.64 -8.55
N ASP A 118 5.74 16.89 -7.80
CA ASP A 118 5.93 17.33 -6.44
C ASP A 118 6.27 16.13 -5.58
N ALA A 119 7.04 16.37 -4.54
CA ALA A 119 7.48 15.26 -3.71
C ALA A 119 6.30 14.49 -3.13
N GLU A 120 5.25 15.20 -2.71
N GLU A 120 5.29 15.21 -2.63
CA GLU A 120 4.15 14.52 -2.03
CA GLU A 120 4.16 14.51 -2.03
C GLU A 120 3.41 13.58 -2.97
C GLU A 120 3.57 13.51 -3.02
N SER A 121 3.23 13.97 -4.22
CA SER A 121 2.54 13.10 -5.15
CA SER A 121 2.55 13.11 -5.18
C SER A 121 3.46 11.97 -5.60
N ARG A 122 4.70 12.28 -5.92
N ARG A 122 4.69 12.29 -5.97
CA ARG A 122 5.58 11.25 -6.45
CA ARG A 122 5.63 11.27 -6.45
C ARG A 122 5.89 10.19 -5.39
C ARG A 122 5.84 10.19 -5.39
N VAL A 123 6.15 10.60 -4.15
CA VAL A 123 6.37 9.64 -3.09
C VAL A 123 5.13 8.79 -2.85
N PHE A 124 3.96 9.43 -2.84
N PHE A 124 3.95 9.41 -2.82
CA PHE A 124 2.70 8.71 -2.66
CA PHE A 124 2.70 8.67 -2.66
C PHE A 124 2.54 7.60 -3.70
C PHE A 124 2.59 7.57 -3.70
N TYR A 125 2.77 7.92 -4.98
CA TYR A 125 2.57 6.93 -6.04
C TYR A 125 3.64 5.85 -6.02
N LEU A 126 4.89 6.21 -5.76
CA LEU A 126 5.95 5.21 -5.69
C LEU A 126 5.73 4.27 -4.51
N LYS A 127 5.26 4.80 -3.37
CA LYS A 127 4.89 3.94 -2.26
C LYS A 127 3.79 2.98 -2.68
N MET A 128 2.76 3.48 -3.37
CA MET A 128 1.69 2.60 -3.86
CA MET A 128 1.69 2.60 -3.84
C MET A 128 2.25 1.52 -4.75
N LYS A 129 3.16 1.89 -5.65
CA LYS A 129 3.77 0.90 -6.53
C LYS A 129 4.47 -0.18 -5.71
N GLY A 130 5.25 0.21 -4.71
CA GLY A 130 5.86 -0.78 -3.84
C GLY A 130 4.85 -1.66 -3.14
N ASP A 131 3.79 -1.05 -2.64
CA ASP A 131 2.76 -1.81 -1.92
C ASP A 131 2.14 -2.87 -2.82
N TYR A 132 1.75 -2.51 -4.05
CA TYR A 132 1.04 -3.48 -4.89
C TYR A 132 1.99 -4.54 -5.44
N TYR A 133 3.26 -4.22 -5.68
CA TYR A 133 4.21 -5.28 -5.94
C TYR A 133 4.40 -6.17 -4.70
N ARG A 134 4.37 -5.59 -3.50
CA ARG A 134 4.46 -6.39 -2.29
C ARG A 134 3.30 -7.37 -2.19
N TYR A 135 2.08 -6.92 -2.50
CA TYR A 135 0.94 -7.84 -2.47
C TYR A 135 1.08 -8.92 -3.52
N LEU A 136 1.61 -8.60 -4.70
CA LEU A 136 1.93 -9.64 -5.67
C LEU A 136 2.97 -10.61 -5.11
N ALA A 137 3.94 -10.10 -4.38
CA ALA A 137 5.00 -10.94 -3.84
C ALA A 137 4.47 -11.88 -2.75
N GLU A 138 3.45 -11.45 -2.00
CA GLU A 138 2.88 -12.31 -0.97
C GLU A 138 2.35 -13.63 -1.53
N VAL A 139 1.91 -13.64 -2.79
CA VAL A 139 1.30 -14.83 -3.41
C VAL A 139 2.20 -15.46 -4.46
N ALA A 140 3.34 -14.86 -4.76
CA ALA A 140 4.20 -15.34 -5.83
C ALA A 140 4.96 -16.57 -5.43
N THR A 141 5.10 -17.51 -6.38
CA THR A 141 5.83 -18.75 -6.19
C THR A 141 6.64 -19.20 -7.40
N GLY A 142 6.65 -18.45 -8.51
CA GLY A 142 7.22 -18.92 -9.75
C GLY A 142 8.54 -18.25 -10.12
N ASP A 143 8.91 -18.38 -11.40
CA ASP A 143 10.21 -17.92 -11.90
C ASP A 143 10.40 -16.43 -11.72
N ASP A 144 9.33 -15.66 -11.65
CA ASP A 144 9.44 -14.22 -11.56
C ASP A 144 9.33 -13.68 -10.14
N LYS A 145 9.30 -14.55 -9.12
N LYS A 145 9.29 -14.56 -9.13
CA LYS A 145 9.14 -14.07 -7.75
CA LYS A 145 9.14 -14.11 -7.75
C LYS A 145 10.25 -13.09 -7.37
C LYS A 145 10.25 -13.12 -7.36
N LYS A 146 11.49 -13.43 -7.72
CA LYS A 146 12.59 -12.55 -7.40
C LYS A 146 12.42 -11.20 -8.10
N ARG A 147 11.97 -11.19 -9.35
CA ARG A 147 11.80 -9.91 -10.03
C ARG A 147 10.64 -9.11 -9.42
N ILE A 148 9.56 -9.77 -8.98
CA ILE A 148 8.47 -9.06 -8.31
C ILE A 148 8.96 -8.41 -7.02
N ILE A 149 9.70 -9.17 -6.23
CA ILE A 149 10.27 -8.64 -5.00
C ILE A 149 11.19 -7.46 -5.31
N ASP A 150 12.03 -7.60 -6.34
CA ASP A 150 12.93 -6.52 -6.71
CA ASP A 150 12.93 -6.50 -6.65
C ASP A 150 12.16 -5.28 -7.16
N SER A 151 11.04 -5.48 -7.86
CA SER A 151 10.24 -4.33 -8.28
C SER A 151 9.66 -3.60 -7.09
N ALA A 152 9.17 -4.33 -6.08
CA ALA A 152 8.70 -3.67 -4.88
C ALA A 152 9.83 -2.90 -4.22
N ARG A 153 10.99 -3.56 -4.05
CA ARG A 153 12.13 -2.92 -3.41
CA ARG A 153 12.13 -2.92 -3.41
C ARG A 153 12.52 -1.63 -4.12
N SER A 154 12.60 -1.69 -5.46
N SER A 154 12.62 -1.70 -5.46
CA SER A 154 13.06 -0.55 -6.23
CA SER A 154 13.07 -0.54 -6.22
C SER A 154 12.11 0.63 -6.10
C SER A 154 12.11 0.63 -6.05
N ALA A 155 10.80 0.36 -6.12
CA ALA A 155 9.82 1.43 -5.97
C ALA A 155 9.92 2.06 -4.59
N TYR A 156 9.96 1.22 -3.55
CA TYR A 156 10.10 1.75 -2.20
C TYR A 156 11.38 2.56 -2.06
N GLN A 157 12.47 2.06 -2.63
CA GLN A 157 13.75 2.74 -2.48
C GLN A 157 13.73 4.12 -3.14
N GLU A 158 13.15 4.21 -4.35
CA GLU A 158 13.06 5.53 -4.99
CA GLU A 158 13.03 5.51 -5.01
C GLU A 158 12.20 6.46 -4.16
N ALA A 159 11.09 5.97 -3.63
CA ALA A 159 10.24 6.78 -2.77
C ALA A 159 10.99 7.24 -1.53
N MET A 160 11.77 6.33 -0.92
CA MET A 160 12.54 6.68 0.27
CA MET A 160 12.54 6.66 0.27
C MET A 160 13.54 7.77 -0.04
N ASP A 161 14.23 7.65 -1.16
CA ASP A 161 15.26 8.63 -1.48
C ASP A 161 14.65 10.02 -1.63
N ILE A 162 13.52 10.12 -2.33
CA ILE A 162 12.86 11.40 -2.49
C ILE A 162 12.37 11.92 -1.14
N SER A 163 11.73 11.04 -0.37
CA SER A 163 11.12 11.47 0.88
CA SER A 163 11.12 11.45 0.89
C SER A 163 12.17 12.02 1.85
N LYS A 164 13.36 11.39 1.88
N LYS A 164 13.34 11.38 1.91
CA LYS A 164 14.39 11.84 2.79
CA LYS A 164 14.35 11.88 2.82
C LYS A 164 14.98 13.17 2.36
C LYS A 164 14.85 13.24 2.37
N LYS A 165 14.98 13.45 1.06
CA LYS A 165 15.52 14.72 0.58
CA LYS A 165 15.52 14.72 0.57
C LYS A 165 14.50 15.84 0.68
N GLU A 166 13.21 15.53 0.51
CA GLU A 166 12.22 16.55 0.28
C GLU A 166 11.14 16.71 1.35
N MET A 167 11.03 15.80 2.31
CA MET A 167 9.96 15.85 3.31
CA MET A 167 9.97 15.90 3.29
C MET A 167 10.56 15.82 4.70
N PRO A 168 9.89 16.44 5.67
CA PRO A 168 10.36 16.32 7.07
C PRO A 168 10.13 14.92 7.59
N PRO A 169 10.89 14.53 8.62
CA PRO A 169 10.78 13.15 9.13
C PRO A 169 9.43 12.82 9.73
N THR A 170 8.60 13.82 10.06
CA THR A 170 7.27 13.58 10.58
C THR A 170 6.19 13.53 9.51
N ASN A 171 6.52 13.75 8.25
CA ASN A 171 5.48 13.81 7.24
C ASN A 171 4.76 12.47 7.20
N PRO A 172 3.42 12.45 7.28
CA PRO A 172 2.74 11.15 7.35
C PRO A 172 2.95 10.25 6.15
N ILE A 173 3.11 10.80 4.95
N ILE A 173 3.16 10.79 4.95
CA ILE A 173 3.43 9.98 3.79
CA ILE A 173 3.40 9.91 3.82
C ILE A 173 4.77 9.30 3.97
C ILE A 173 4.79 9.29 3.92
N ARG A 174 5.78 10.09 4.33
CA ARG A 174 7.10 9.53 4.61
C ARG A 174 7.04 8.45 5.67
N LEU A 175 6.30 8.68 6.75
CA LEU A 175 6.21 7.70 7.82
C LEU A 175 5.53 6.42 7.35
N GLY A 176 4.42 6.54 6.63
CA GLY A 176 3.73 5.36 6.14
C GLY A 176 4.57 4.58 5.13
N LEU A 177 5.32 5.28 4.29
CA LEU A 177 6.27 4.63 3.39
C LEU A 177 7.30 3.82 4.15
N ALA A 178 7.93 4.44 5.15
CA ALA A 178 8.94 3.73 5.92
C ALA A 178 8.33 2.55 6.66
N LEU A 179 7.14 2.74 7.24
CA LEU A 179 6.42 1.62 7.85
C LEU A 179 6.26 0.45 6.88
N ASN A 180 5.77 0.73 5.67
CA ASN A 180 5.50 -0.33 4.72
C ASN A 180 6.79 -0.95 4.19
N PHE A 181 7.83 -0.14 3.98
CA PHE A 181 9.10 -0.71 3.51
C PHE A 181 9.69 -1.61 4.59
N SER A 182 9.53 -1.23 5.85
CA SER A 182 9.97 -2.09 6.95
CA SER A 182 9.97 -2.08 6.95
C SER A 182 9.20 -3.41 6.95
N VAL A 183 7.88 -3.38 6.73
CA VAL A 183 7.10 -4.62 6.60
C VAL A 183 7.62 -5.45 5.43
N PHE A 184 7.88 -4.81 4.29
CA PHE A 184 8.49 -5.49 3.16
C PHE A 184 9.76 -6.23 3.59
N HIS A 185 10.67 -5.53 4.28
CA HIS A 185 11.90 -6.18 4.70
C HIS A 185 11.61 -7.41 5.56
N TYR A 186 10.68 -7.28 6.50
CA TYR A 186 10.42 -8.36 7.46
C TYR A 186 9.71 -9.54 6.83
N GLU A 187 8.66 -9.27 6.04
N GLU A 187 8.65 -9.27 6.08
CA GLU A 187 7.72 -10.29 5.59
CA GLU A 187 7.77 -10.34 5.59
C GLU A 187 7.99 -10.80 4.18
C GLU A 187 8.17 -10.88 4.23
N ILE A 188 8.70 -10.04 3.36
CA ILE A 188 8.95 -10.39 1.96
C ILE A 188 10.40 -10.71 1.71
N ALA A 189 11.29 -9.84 2.18
CA ALA A 189 12.70 -9.91 1.84
C ALA A 189 13.54 -10.72 2.80
N ASN A 190 12.94 -11.34 3.82
N ASN A 190 12.93 -11.36 3.80
CA ASN A 190 13.70 -12.17 4.76
CA ASN A 190 13.66 -12.15 4.79
C ASN A 190 14.80 -11.37 5.45
C ASN A 190 14.82 -11.34 5.38
N SER A 191 14.50 -10.11 5.78
CA SER A 191 15.50 -9.18 6.33
C SER A 191 14.98 -8.55 7.61
N PRO A 192 14.71 -9.35 8.64
CA PRO A 192 14.13 -8.78 9.86
C PRO A 192 15.02 -7.71 10.51
N GLU A 193 16.34 -7.87 10.45
CA GLU A 193 17.19 -6.83 11.04
C GLU A 193 17.04 -5.50 10.33
N GLU A 194 16.98 -5.53 8.99
CA GLU A 194 16.75 -4.31 8.24
C GLU A 194 15.39 -3.69 8.59
N ALA A 195 14.37 -4.52 8.72
CA ALA A 195 13.06 -4.03 9.10
C ALA A 195 13.09 -3.31 10.44
N ILE A 196 13.74 -3.93 11.42
CA ILE A 196 13.81 -3.37 12.76
C ILE A 196 14.61 -2.07 12.76
N SER A 197 15.76 -2.06 12.09
CA SER A 197 16.57 -0.86 12.02
CA SER A 197 16.58 -0.85 12.01
C SER A 197 15.81 0.29 11.37
N LEU A 198 15.12 0.02 10.25
CA LEU A 198 14.37 1.06 9.59
C LEU A 198 13.25 1.59 10.48
N ALA A 199 12.51 0.72 11.13
CA ALA A 199 11.43 1.18 11.99
C ALA A 199 11.96 2.03 13.14
N LYS A 200 13.05 1.59 13.77
N LYS A 200 13.08 1.63 13.74
CA LYS A 200 13.66 2.34 14.87
CA LYS A 200 13.60 2.36 14.89
C LYS A 200 14.09 3.73 14.41
C LYS A 200 14.17 3.72 14.49
N THR A 201 14.92 3.78 13.38
CA THR A 201 15.45 5.05 12.91
CA THR A 201 15.44 5.07 12.96
C THR A 201 14.32 5.99 12.50
N THR A 202 13.34 5.46 11.79
CA THR A 202 12.20 6.29 11.39
C THR A 202 11.51 6.87 12.62
N PHE A 203 11.22 6.02 13.60
CA PHE A 203 10.53 6.47 14.81
C PHE A 203 11.33 7.55 15.52
N ASP A 204 12.63 7.33 15.69
CA ASP A 204 13.45 8.26 16.45
C ASP A 204 13.59 9.59 15.74
N GLU A 205 13.73 9.58 14.43
N GLU A 205 13.77 9.58 14.42
CA GLU A 205 13.89 10.84 13.70
CA GLU A 205 13.89 10.84 13.70
C GLU A 205 12.58 11.61 13.64
C GLU A 205 12.58 11.61 13.76
N ALA A 206 11.45 10.91 13.67
CA ALA A 206 10.17 11.59 13.78
C ALA A 206 9.99 12.19 15.17
N MET A 207 10.33 11.43 16.22
CA MET A 207 10.20 11.94 17.58
CA MET A 207 10.24 11.93 17.58
C MET A 207 10.91 13.27 17.72
N ALA A 208 12.13 13.38 17.17
CA ALA A 208 12.94 14.57 17.30
C ALA A 208 12.36 15.78 16.57
N ASP A 209 11.43 15.58 15.64
N ASP A 209 11.44 15.61 15.63
CA ASP A 209 10.83 16.63 14.83
CA ASP A 209 10.87 16.74 14.92
C ASP A 209 9.44 17.03 15.30
C ASP A 209 9.41 17.00 15.27
N LEU A 210 8.86 16.28 16.25
CA LEU A 210 7.48 16.57 16.66
C LEU A 210 7.33 17.98 17.19
N HIS A 211 8.38 18.54 17.78
CA HIS A 211 8.28 19.85 18.42
C HIS A 211 7.97 20.95 17.42
N THR A 212 8.16 20.70 16.13
CA THR A 212 7.92 21.72 15.11
C THR A 212 6.46 21.79 14.69
N LEU A 213 5.62 20.85 15.15
CA LEU A 213 4.29 20.63 14.58
C LEU A 213 3.18 21.27 15.39
N SER A 214 2.10 21.61 14.70
CA SER A 214 0.84 21.97 15.31
C SER A 214 0.23 20.75 16.00
N GLU A 215 -0.78 20.99 16.83
CA GLU A 215 -1.47 19.90 17.50
C GLU A 215 -2.06 18.90 16.51
N ASP A 216 -2.65 19.40 15.44
CA ASP A 216 -3.27 18.48 14.49
C ASP A 216 -2.24 17.65 13.73
N SER A 217 -1.14 18.28 13.30
CA SER A 217 -0.08 17.53 12.62
C SER A 217 0.56 16.54 13.57
N TYR A 218 0.75 16.93 14.83
N TYR A 218 0.74 16.94 14.83
CA TYR A 218 1.27 16.03 15.84
CA TYR A 218 1.27 16.03 15.83
C TYR A 218 0.41 14.77 15.95
C TYR A 218 0.41 14.77 15.94
N LYS A 219 -0.91 14.93 15.96
CA LYS A 219 -1.78 13.77 16.00
CA LYS A 219 -1.79 13.77 16.01
C LYS A 219 -1.59 12.87 14.78
N ASP A 220 -1.52 13.47 13.59
CA ASP A 220 -1.35 12.70 12.37
C ASP A 220 -0.06 11.89 12.41
N SER A 221 1.03 12.52 12.83
CA SER A 221 2.32 11.85 12.81
C SER A 221 2.41 10.78 13.88
N THR A 222 1.95 11.09 15.10
CA THR A 222 2.07 10.14 16.18
C THR A 222 1.22 8.90 15.93
N LEU A 223 0.11 9.02 15.20
N LEU A 223 0.13 9.02 15.17
CA LEU A 223 -0.65 7.81 14.87
CA LEU A 223 -0.68 7.85 14.84
C LEU A 223 0.22 6.80 14.12
C LEU A 223 0.12 6.81 14.05
N ILE A 224 0.97 7.27 13.11
CA ILE A 224 1.79 6.35 12.33
CA ILE A 224 1.77 6.33 12.35
C ILE A 224 2.98 5.89 13.14
N MET A 225 3.55 6.79 13.95
CA MET A 225 4.65 6.39 14.81
C MET A 225 4.23 5.25 15.72
N GLN A 226 3.00 5.26 16.22
CA GLN A 226 2.56 4.16 17.07
C GLN A 226 2.55 2.84 16.34
N LEU A 227 2.25 2.84 15.04
CA LEU A 227 2.30 1.60 14.28
C LEU A 227 3.73 1.09 14.16
N LEU A 228 4.70 1.99 13.95
CA LEU A 228 6.09 1.59 13.98
C LEU A 228 6.43 0.93 15.30
N ARG A 229 6.01 1.55 16.40
N ARG A 229 5.99 1.53 16.41
CA ARG A 229 6.25 1.00 17.74
CA ARG A 229 6.29 0.97 17.72
C ARG A 229 5.60 -0.36 17.89
C ARG A 229 5.59 -0.36 17.94
N ASP A 230 4.35 -0.49 17.45
CA ASP A 230 3.65 -1.76 17.55
C ASP A 230 4.42 -2.85 16.81
N ASN A 231 4.91 -2.57 15.61
CA ASN A 231 5.69 -3.57 14.89
C ASN A 231 6.98 -3.89 15.64
N LEU A 232 7.67 -2.86 16.15
CA LEU A 232 8.88 -3.13 16.91
C LEU A 232 8.59 -4.05 18.09
N THR A 233 7.46 -3.84 18.75
CA THR A 233 7.08 -4.68 19.88
C THR A 233 6.82 -6.12 19.44
N LEU A 234 6.19 -6.30 18.27
N LEU A 234 6.22 -6.29 18.26
CA LEU A 234 5.98 -7.65 17.74
CA LEU A 234 5.96 -7.62 17.73
C LEU A 234 7.32 -8.31 17.44
C LEU A 234 7.25 -8.33 17.32
N TRP A 235 8.24 -7.57 16.86
CA TRP A 235 9.43 -8.13 16.24
C TRP A 235 10.60 -8.28 17.19
N THR A 236 10.54 -7.67 18.37
CA THR A 236 11.65 -7.72 19.30
C THR A 236 11.19 -8.25 20.67
N ALA B 3 2.26 -7.99 10.80
CA ALA B 3 2.70 -6.64 11.06
C ALA B 3 1.66 -5.64 10.56
N HIS B 4 1.69 -4.45 11.15
N HIS B 4 1.67 -4.44 11.15
CA HIS B 4 0.84 -3.36 10.75
CA HIS B 4 0.77 -3.37 10.75
C HIS B 4 1.44 -2.62 9.57
C HIS B 4 1.38 -2.55 9.63
N SER B 6 0.55 0.70 6.61
CA SER B 6 -0.05 2.01 6.71
CA SER B 6 -0.03 2.03 6.62
C SER B 6 -1.53 1.93 6.42
N ALA B 8 -5.53 5.65 6.58
CA ALA B 8 -6.90 6.03 6.90
C ALA B 8 -7.45 7.00 5.86
N SER B 9 -8.76 7.17 5.87
CA SER B 9 -9.43 8.06 4.94
C SER B 9 -9.45 9.48 5.48
N LEU B 10 -9.23 10.45 4.58
CA LEU B 10 -9.41 11.86 4.92
C LEU B 10 -10.88 12.22 5.05
N GLN B 11 -11.78 11.37 4.54
CA GLN B 11 -13.21 11.66 4.56
C GLN B 11 -13.81 11.31 5.92
#